data_5E1Z
#
_entry.id   5E1Z
#
_cell.length_a   71.660
_cell.length_b   71.660
_cell.length_c   87.520
_cell.angle_alpha   90.00
_cell.angle_beta   90.00
_cell.angle_gamma   120.00
#
_symmetry.space_group_name_H-M   'P 31 2 1'
#
loop_
_entity.id
_entity.type
_entity.pdbx_description
1 polymer 'Transcriptional regulator, MarR family'
2 non-polymer 2,4-dichlorophenol
3 water water
#
_entity_poly.entity_id   1
_entity_poly.type   'polypeptide(L)'
_entity_poly.pdbx_seq_one_letter_code
;MAHHHHHHSSGLEVLFQGPNEFETLELEHLLWVNITQVKHSIERAWTRELKSLNLSTEKFAILHELMCLGGESTPHTLAR
RIVFEPHSVSAIVSRMEKDGLIIKTKDLDKKHMVRIKLSEKAIDTFYQALEISNRVYKQMMASITREEKVELSKTLTKLR
NHTLPLTHKHTKTLTPFKYI
;
_entity_poly.pdbx_strand_id   B
#
# COMPACT_ATOMS: atom_id res chain seq x y z
N LEU A 12 -13.65 46.68 -4.02
CA LEU A 12 -14.81 46.29 -4.91
C LEU A 12 -14.46 44.99 -5.67
N GLU A 13 -15.24 43.93 -5.40
CA GLU A 13 -14.98 42.59 -5.97
C GLU A 13 -15.22 42.59 -7.51
N VAL A 14 -14.27 42.04 -8.26
CA VAL A 14 -14.36 41.99 -9.74
CA VAL A 14 -14.35 41.97 -9.72
C VAL A 14 -15.49 40.99 -10.09
N LEU A 15 -16.18 41.29 -11.21
CA LEU A 15 -17.33 40.41 -11.59
C LEU A 15 -16.83 39.31 -12.50
N PHE A 16 -17.59 38.20 -12.51
CA PHE A 16 -17.50 37.13 -13.57
C PHE A 16 -16.20 36.33 -13.42
N GLN A 17 -15.64 36.34 -12.21
CA GLN A 17 -14.35 35.63 -12.08
C GLN A 17 -14.44 34.60 -10.98
N GLY A 18 -15.62 34.33 -10.47
CA GLY A 18 -15.77 33.46 -9.26
C GLY A 18 -15.82 32.02 -9.82
N PRO A 19 -15.80 31.00 -8.86
CA PRO A 19 -15.80 29.60 -9.34
CA PRO A 19 -15.80 29.60 -9.34
C PRO A 19 -16.99 29.26 -10.24
N ASN A 20 -16.72 28.39 -11.20
CA ASN A 20 -17.80 27.90 -12.07
C ASN A 20 -18.43 26.64 -11.54
N GLU A 21 -19.36 26.10 -12.33
CA GLU A 21 -20.14 25.00 -11.82
C GLU A 21 -19.39 23.65 -11.64
N PHE A 22 -18.20 23.60 -12.24
CA PHE A 22 -17.41 22.35 -12.13
C PHE A 22 -16.68 22.31 -10.78
N GLU A 23 -16.75 23.38 -9.99
CA GLU A 23 -16.16 23.31 -8.63
C GLU A 23 -17.13 22.84 -7.58
N THR A 24 -18.42 22.59 -7.97
CA THR A 24 -19.33 21.99 -7.00
C THR A 24 -19.57 20.55 -7.50
N LEU A 25 -19.20 19.61 -6.61
CA LEU A 25 -19.21 18.18 -7.00
C LEU A 25 -20.31 17.40 -6.32
N GLU A 26 -20.70 16.22 -6.86
CA GLU A 26 -21.43 15.26 -6.02
C GLU A 26 -20.54 14.84 -4.88
N LEU A 27 -21.16 14.63 -3.72
CA LEU A 27 -20.38 14.23 -2.55
C LEU A 27 -19.52 12.97 -2.83
N GLU A 28 -20.07 11.99 -3.58
CA GLU A 28 -19.29 10.78 -3.82
C GLU A 28 -18.04 11.13 -4.69
N HIS A 29 -18.16 12.09 -5.62
CA HIS A 29 -16.98 12.50 -6.40
C HIS A 29 -15.98 13.24 -5.49
N LEU A 30 -16.46 14.15 -4.62
CA LEU A 30 -15.56 14.80 -3.71
C LEU A 30 -14.86 13.78 -2.79
N LEU A 31 -15.58 12.72 -2.35
CA LEU A 31 -14.88 11.68 -1.57
C LEU A 31 -13.72 11.02 -2.35
N TRP A 32 -13.93 10.77 -3.63
CA TRP A 32 -12.81 10.23 -4.43
C TRP A 32 -11.63 11.24 -4.52
N VAL A 33 -11.93 12.54 -4.70
CA VAL A 33 -10.87 13.56 -4.66
C VAL A 33 -10.17 13.51 -3.31
N ASN A 34 -10.94 13.39 -2.23
CA ASN A 34 -10.32 13.40 -0.87
C ASN A 34 -9.36 12.18 -0.71
N ILE A 35 -9.87 11.02 -1.17
CA ILE A 35 -9.11 9.74 -1.00
C ILE A 35 -7.82 9.92 -1.78
N THR A 36 -7.93 10.40 -2.99
CA THR A 36 -6.74 10.57 -3.85
C THR A 36 -5.74 11.52 -3.21
N GLN A 37 -6.24 12.63 -2.68
CA GLN A 37 -5.34 13.65 -2.15
C GLN A 37 -4.62 13.14 -0.88
N VAL A 38 -5.36 12.43 -0.01
CA VAL A 38 -4.69 11.94 1.23
C VAL A 38 -3.68 10.86 0.86
N LYS A 39 -4.04 9.97 -0.08
CA LYS A 39 -3.08 8.87 -0.47
C LYS A 39 -1.77 9.57 -1.01
N HIS A 40 -1.95 10.62 -1.84
CA HIS A 40 -0.74 11.25 -2.41
CA HIS A 40 -0.77 11.31 -2.42
C HIS A 40 0.05 12.01 -1.34
N SER A 41 -0.63 12.69 -0.47
CA SER A 41 0.01 13.54 0.57
CA SER A 41 0.02 13.52 0.57
CA SER A 41 0.07 13.55 0.52
C SER A 41 0.81 12.68 1.56
N ILE A 42 0.15 11.63 2.07
CA ILE A 42 0.83 10.75 3.03
C ILE A 42 1.95 10.00 2.32
N GLU A 43 1.75 9.50 1.10
CA GLU A 43 2.84 8.75 0.43
C GLU A 43 4.09 9.60 0.19
N ARG A 44 3.85 10.86 -0.19
CA ARG A 44 5.02 11.72 -0.47
C ARG A 44 5.89 11.94 0.79
N ALA A 45 5.25 12.22 1.92
CA ALA A 45 5.89 12.46 3.20
C ALA A 45 6.58 11.12 3.70
N TRP A 46 5.80 10.02 3.64
CA TRP A 46 6.40 8.73 4.18
C TRP A 46 7.63 8.36 3.29
N THR A 47 7.53 8.49 1.97
CA THR A 47 8.58 8.03 1.06
C THR A 47 9.87 8.80 1.30
N ARG A 48 9.75 10.10 1.54
CA ARG A 48 10.99 10.86 1.92
C ARG A 48 11.62 10.39 3.25
N GLU A 49 10.77 10.06 4.23
CA GLU A 49 11.37 9.58 5.56
C GLU A 49 12.01 8.22 5.42
N LEU A 50 11.55 7.42 4.46
CA LEU A 50 12.07 6.03 4.28
C LEU A 50 13.19 5.92 3.24
N LYS A 51 13.63 7.07 2.66
CA LYS A 51 14.58 7.15 1.56
CA LYS A 51 14.47 6.89 1.49
C LYS A 51 15.89 6.41 1.84
N SER A 52 16.29 6.51 3.09
CA SER A 52 17.63 5.96 3.44
C SER A 52 17.59 4.43 3.39
N LEU A 53 16.37 3.85 3.37
CA LEU A 53 16.22 2.42 3.17
C LEU A 53 15.80 2.09 1.73
N ASN A 54 15.72 3.11 0.87
CA ASN A 54 15.34 2.85 -0.56
C ASN A 54 14.06 2.03 -0.74
N LEU A 55 13.02 2.39 0.03
CA LEU A 55 11.74 1.74 -0.12
C LEU A 55 10.66 2.62 -0.63
N SER A 56 10.01 2.19 -1.71
CA SER A 56 8.69 2.79 -2.00
C SER A 56 7.61 2.19 -1.08
N THR A 57 6.42 2.77 -1.05
CA THR A 57 5.33 2.18 -0.35
C THR A 57 5.02 0.80 -0.88
N GLU A 58 5.11 0.55 -2.20
CA GLU A 58 4.82 -0.75 -2.76
CA GLU A 58 4.79 -0.80 -2.65
C GLU A 58 5.79 -1.80 -2.27
N LYS A 59 7.11 -1.47 -2.31
CA LYS A 59 8.10 -2.43 -1.85
C LYS A 59 7.89 -2.74 -0.32
N PHE A 60 7.68 -1.68 0.47
CA PHE A 60 7.36 -1.94 1.92
C PHE A 60 6.13 -2.86 2.07
N ALA A 61 5.07 -2.60 1.31
CA ALA A 61 3.87 -3.49 1.44
C ALA A 61 4.24 -4.95 1.13
N ILE A 62 5.01 -5.17 0.05
CA ILE A 62 5.39 -6.55 -0.35
C ILE A 62 6.30 -7.16 0.75
N LEU A 63 7.27 -6.38 1.29
CA LEU A 63 8.09 -6.91 2.40
C LEU A 63 7.20 -7.33 3.57
N HIS A 64 6.23 -6.45 3.87
CA HIS A 64 5.35 -6.74 4.99
C HIS A 64 4.48 -8.02 4.76
N GLU A 65 3.88 -8.10 3.55
CA GLU A 65 3.09 -9.31 3.29
C GLU A 65 3.95 -10.53 3.33
N LEU A 66 5.20 -10.46 2.81
CA LEU A 66 6.02 -11.68 2.89
C LEU A 66 6.39 -12.02 4.35
N MET A 67 6.61 -10.99 5.19
CA MET A 67 6.78 -11.26 6.63
C MET A 67 5.60 -11.97 7.26
N CYS A 68 4.38 -11.58 6.84
CA CYS A 68 3.24 -12.28 7.38
C CYS A 68 3.18 -13.72 6.91
N LEU A 69 3.75 -13.99 5.73
CA LEU A 69 3.83 -15.35 5.20
C LEU A 69 5.06 -16.14 5.72
N GLY A 70 5.74 -15.64 6.75
CA GLY A 70 6.91 -16.39 7.23
C GLY A 70 8.14 -16.22 6.35
N GLY A 71 8.17 -15.13 5.58
CA GLY A 71 9.38 -14.80 4.76
C GLY A 71 9.53 -15.59 3.47
N GLU A 72 8.59 -16.47 3.14
CA GLU A 72 8.75 -17.17 1.82
C GLU A 72 7.35 -17.58 1.37
N SER A 73 7.18 -17.49 0.05
CA SER A 73 5.88 -17.87 -0.49
C SER A 73 6.06 -18.11 -1.97
N THR A 74 4.97 -17.99 -2.76
CA THR A 74 5.09 -18.09 -4.24
C THR A 74 4.44 -16.82 -4.81
N PRO A 75 4.67 -16.50 -6.08
CA PRO A 75 4.03 -15.33 -6.65
C PRO A 75 2.50 -15.40 -6.52
N HIS A 76 1.90 -16.56 -6.77
CA HIS A 76 0.43 -16.58 -6.76
C HIS A 76 -0.15 -16.42 -5.37
N THR A 77 0.52 -16.96 -4.33
CA THR A 77 -0.01 -16.75 -2.99
C THR A 77 0.19 -15.29 -2.56
N LEU A 78 1.34 -14.71 -2.86
CA LEU A 78 1.51 -13.31 -2.47
C LEU A 78 0.48 -12.42 -3.19
N ALA A 79 0.26 -12.69 -4.48
CA ALA A 79 -0.72 -11.87 -5.24
C ALA A 79 -2.12 -11.96 -4.59
N ARG A 80 -2.56 -13.16 -4.21
CA ARG A 80 -3.87 -13.35 -3.62
C ARG A 80 -4.04 -12.51 -2.35
N ARG A 81 -2.91 -12.35 -1.61
CA ARG A 81 -3.04 -11.73 -0.28
C ARG A 81 -3.02 -10.19 -0.32
N ILE A 82 -2.60 -9.63 -1.41
CA ILE A 82 -2.33 -8.12 -1.54
C ILE A 82 -3.29 -7.52 -2.56
N VAL A 83 -3.65 -6.24 -2.39
CA VAL A 83 -4.66 -5.65 -3.31
C VAL A 83 -4.12 -5.43 -4.72
N PHE A 84 -2.80 -5.24 -4.93
CA PHE A 84 -2.28 -4.82 -6.22
C PHE A 84 -2.51 -5.84 -7.34
N GLU A 85 -2.42 -5.34 -8.58
CA GLU A 85 -2.53 -6.30 -9.72
C GLU A 85 -1.35 -7.22 -9.79
N PRO A 86 -1.57 -8.43 -10.28
CA PRO A 86 -0.46 -9.37 -10.26
C PRO A 86 0.69 -8.94 -11.14
N HIS A 87 0.46 -8.26 -12.30
CA HIS A 87 1.59 -7.85 -13.11
C HIS A 87 2.39 -6.82 -12.33
N SER A 88 1.70 -6.07 -11.44
CA SER A 88 2.41 -5.05 -10.66
CA SER A 88 2.38 -5.05 -10.65
C SER A 88 3.22 -5.73 -9.57
N VAL A 89 2.59 -6.68 -8.92
CA VAL A 89 3.29 -7.49 -7.88
C VAL A 89 4.55 -8.08 -8.50
N SER A 90 4.42 -8.64 -9.70
N SER A 90 4.41 -8.64 -9.70
CA SER A 90 5.60 -9.25 -10.34
CA SER A 90 5.58 -9.24 -10.32
C SER A 90 6.72 -8.27 -10.66
C SER A 90 6.71 -8.26 -10.66
N ALA A 91 6.35 -7.06 -11.13
CA ALA A 91 7.34 -6.03 -11.51
C ALA A 91 8.09 -5.59 -10.25
N ILE A 92 7.32 -5.42 -9.16
CA ILE A 92 7.86 -4.92 -7.83
C ILE A 92 8.79 -6.01 -7.28
N VAL A 93 8.35 -7.27 -7.34
CA VAL A 93 9.22 -8.34 -6.87
C VAL A 93 10.55 -8.44 -7.68
N SER A 94 10.43 -8.24 -8.98
CA SER A 94 11.62 -8.23 -9.84
CA SER A 94 11.63 -8.27 -9.80
C SER A 94 12.63 -7.14 -9.45
N ARG A 95 12.12 -5.92 -9.20
CA ARG A 95 12.89 -4.74 -8.67
C ARG A 95 13.56 -5.16 -7.34
N MET A 96 12.76 -5.79 -6.51
CA MET A 96 13.31 -6.22 -5.18
C MET A 96 14.38 -7.29 -5.31
N GLU A 97 14.23 -8.18 -6.28
CA GLU A 97 15.23 -9.18 -6.55
C GLU A 97 16.55 -8.50 -6.94
N LYS A 98 16.46 -7.48 -7.81
CA LYS A 98 17.67 -6.71 -8.21
C LYS A 98 18.26 -5.92 -7.03
N ASP A 99 17.44 -5.45 -6.08
CA ASP A 99 17.96 -4.80 -4.87
C ASP A 99 18.57 -5.88 -3.85
N GLY A 100 18.50 -7.18 -4.11
CA GLY A 100 19.02 -8.19 -3.15
C GLY A 100 18.01 -8.46 -1.99
N LEU A 101 16.75 -8.02 -2.13
CA LEU A 101 15.74 -8.23 -1.06
CA LEU A 101 15.75 -8.21 -1.06
C LEU A 101 15.00 -9.51 -1.20
N ILE A 102 14.84 -10.01 -2.45
CA ILE A 102 14.13 -11.26 -2.67
C ILE A 102 15.05 -12.23 -3.41
N ILE A 103 15.05 -13.48 -2.99
CA ILE A 103 15.72 -14.60 -3.71
C ILE A 103 14.66 -15.48 -4.36
N LYS A 104 14.79 -15.73 -5.68
CA LYS A 104 13.83 -16.56 -6.42
C LYS A 104 14.51 -17.84 -6.67
N THR A 105 13.83 -18.93 -6.38
CA THR A 105 14.42 -20.26 -6.67
C THR A 105 13.39 -21.11 -7.39
N LYS A 106 13.85 -21.96 -8.29
CA LYS A 106 12.94 -22.87 -8.91
CA LYS A 106 12.98 -22.98 -8.90
C LYS A 106 12.49 -23.92 -7.88
N ASP A 107 11.18 -24.18 -7.83
CA ASP A 107 10.66 -25.17 -7.00
C ASP A 107 11.28 -26.52 -7.45
N LEU A 108 11.64 -27.38 -6.50
CA LEU A 108 12.28 -28.68 -6.85
C LEU A 108 11.29 -29.65 -7.52
N ASP A 109 10.06 -29.65 -7.01
CA ASP A 109 8.96 -30.46 -7.59
C ASP A 109 8.47 -29.81 -8.91
N LYS A 110 7.57 -28.84 -8.83
CA LYS A 110 6.88 -28.31 -9.98
C LYS A 110 7.74 -27.54 -11.00
N LYS A 111 8.02 -28.13 -12.18
CA LYS A 111 8.58 -27.40 -13.25
C LYS A 111 7.77 -26.09 -13.45
N HIS A 112 8.49 -24.99 -13.69
CA HIS A 112 7.95 -23.66 -13.89
C HIS A 112 7.46 -22.89 -12.64
N MET A 113 7.34 -23.54 -11.50
CA MET A 113 6.93 -22.79 -10.29
C MET A 113 8.17 -22.19 -9.59
N VAL A 114 8.00 -20.94 -9.14
CA VAL A 114 9.06 -20.13 -8.56
C VAL A 114 8.73 -20.03 -7.05
N ARG A 115 9.77 -20.11 -6.20
CA ARG A 115 9.49 -19.75 -4.77
C ARG A 115 10.18 -18.44 -4.50
N ILE A 116 9.57 -17.53 -3.71
CA ILE A 116 10.17 -16.24 -3.51
C ILE A 116 10.45 -16.16 -1.98
N LYS A 117 11.66 -15.73 -1.64
CA LYS A 117 12.06 -15.78 -0.18
C LYS A 117 12.70 -14.46 0.14
N LEU A 118 12.40 -13.91 1.34
CA LEU A 118 13.13 -12.70 1.71
C LEU A 118 14.58 -13.03 2.16
N SER A 119 15.51 -12.16 1.74
CA SER A 119 16.88 -12.32 2.25
C SER A 119 17.02 -11.81 3.66
N GLU A 120 18.14 -12.18 4.29
CA GLU A 120 18.39 -11.65 5.62
C GLU A 120 18.43 -10.14 5.62
N LYS A 121 19.04 -9.54 4.58
CA LYS A 121 19.11 -8.10 4.40
C LYS A 121 17.67 -7.51 4.41
N ALA A 122 16.77 -8.20 3.73
CA ALA A 122 15.43 -7.63 3.61
C ALA A 122 14.73 -7.72 4.93
N ILE A 123 14.94 -8.77 5.69
CA ILE A 123 14.22 -8.91 7.00
C ILE A 123 14.73 -7.83 7.95
N ASP A 124 16.06 -7.60 7.89
CA ASP A 124 16.66 -6.55 8.75
C ASP A 124 16.18 -5.16 8.29
N THR A 125 16.00 -4.95 6.98
CA THR A 125 15.44 -3.68 6.45
C THR A 125 13.99 -3.46 6.93
N PHE A 126 13.22 -4.57 6.89
CA PHE A 126 11.86 -4.49 7.35
C PHE A 126 11.82 -4.13 8.85
N TYR A 127 12.69 -4.72 9.69
CA TYR A 127 12.87 -4.35 11.13
CA TYR A 127 12.51 -4.32 11.05
C TYR A 127 12.85 -2.79 11.24
N GLN A 128 13.78 -2.25 10.49
CA GLN A 128 14.09 -0.82 10.59
C GLN A 128 12.86 -0.04 10.04
N ALA A 129 12.42 -0.50 8.89
CA ALA A 129 11.35 0.27 8.17
C ALA A 129 10.03 0.25 8.95
N LEU A 130 9.69 -0.89 9.58
CA LEU A 130 8.45 -0.91 10.34
C LEU A 130 8.45 0.08 11.53
N GLU A 131 9.60 0.18 12.21
CA GLU A 131 9.67 1.07 13.38
C GLU A 131 9.55 2.55 12.93
N ILE A 132 10.24 2.89 11.84
CA ILE A 132 10.14 4.28 11.31
C ILE A 132 8.70 4.51 10.83
N SER A 133 8.19 3.57 10.03
N SER A 133 8.17 3.57 10.03
CA SER A 133 6.86 3.71 9.48
CA SER A 133 6.82 3.73 9.49
C SER A 133 5.76 3.93 10.56
C SER A 133 5.76 3.96 10.58
N ASN A 134 5.81 3.17 11.65
CA ASN A 134 4.84 3.35 12.67
C ASN A 134 4.92 4.79 13.30
N ARG A 135 6.14 5.31 13.46
CA ARG A 135 6.27 6.67 13.97
CA ARG A 135 6.23 6.67 14.01
C ARG A 135 5.72 7.69 13.00
N VAL A 136 6.04 7.46 11.72
CA VAL A 136 5.53 8.38 10.67
C VAL A 136 4.01 8.35 10.56
N TYR A 137 3.37 7.19 10.53
CA TYR A 137 1.91 7.27 10.43
CA TYR A 137 1.89 7.21 10.44
C TYR A 137 1.27 7.83 11.67
N LYS A 138 1.85 7.55 12.83
CA LYS A 138 1.27 8.19 14.07
C LYS A 138 1.36 9.71 14.05
N GLN A 139 2.50 10.24 13.66
CA GLN A 139 2.63 11.69 13.67
C GLN A 139 1.75 12.31 12.59
N MET A 140 1.64 11.68 11.40
CA MET A 140 0.68 12.13 10.40
C MET A 140 -0.76 12.17 10.78
N MET A 141 -1.16 11.24 11.64
CA MET A 141 -2.59 11.16 11.90
C MET A 141 -2.94 11.71 13.28
N ALA A 142 -2.05 12.51 13.86
CA ALA A 142 -2.20 12.93 15.28
C ALA A 142 -3.34 13.95 15.36
N SER A 143 -3.71 14.51 14.21
CA SER A 143 -4.85 15.47 14.22
C SER A 143 -6.28 14.94 14.28
N ILE A 144 -6.42 13.61 14.25
CA ILE A 144 -7.76 13.04 14.35
C ILE A 144 -7.74 12.15 15.59
N THR A 145 -8.86 12.10 16.27
CA THR A 145 -8.95 11.36 17.52
C THR A 145 -9.01 9.86 17.37
N ARG A 146 -8.89 9.15 18.50
CA ARG A 146 -9.07 7.68 18.42
C ARG A 146 -10.38 7.36 17.86
N GLU A 147 -11.47 8.01 18.32
CA GLU A 147 -12.77 7.63 17.77
C GLU A 147 -12.88 7.89 16.23
N GLU A 148 -12.35 9.00 15.82
CA GLU A 148 -12.35 9.38 14.31
C GLU A 148 -11.57 8.29 13.52
N LYS A 149 -10.45 7.87 14.09
CA LYS A 149 -9.62 6.78 13.43
C LYS A 149 -10.38 5.48 13.33
N VAL A 150 -10.97 5.05 14.47
CA VAL A 150 -11.85 3.88 14.47
C VAL A 150 -13.02 3.97 13.42
N GLU A 151 -13.73 5.09 13.30
CA GLU A 151 -14.82 5.20 12.39
C GLU A 151 -14.28 5.28 10.95
N LEU A 152 -13.14 5.98 10.75
CA LEU A 152 -12.52 6.04 9.41
C LEU A 152 -12.21 4.58 8.93
N SER A 153 -11.56 3.76 9.74
CA SER A 153 -11.34 2.35 9.31
C SER A 153 -12.63 1.64 9.03
N LYS A 154 -13.66 1.87 9.89
CA LYS A 154 -14.93 1.14 9.55
C LYS A 154 -15.55 1.55 8.24
N THR A 155 -15.57 2.86 7.97
CA THR A 155 -16.16 3.33 6.70
C THR A 155 -15.31 2.91 5.52
N LEU A 156 -14.02 3.10 5.66
CA LEU A 156 -13.18 2.64 4.51
C LEU A 156 -13.30 1.11 4.25
N THR A 157 -13.41 0.35 5.31
CA THR A 157 -13.62 -1.10 5.14
C THR A 157 -14.91 -1.47 4.47
N LYS A 158 -15.98 -0.74 4.80
CA LYS A 158 -17.25 -0.93 4.06
C LYS A 158 -17.04 -0.61 2.57
N LEU A 159 -16.41 0.51 2.28
CA LEU A 159 -16.14 0.83 0.89
C LEU A 159 -15.28 -0.24 0.17
N ARG A 160 -14.21 -0.71 0.79
CA ARG A 160 -13.39 -1.77 0.16
C ARG A 160 -14.24 -3.01 -0.04
N ASN A 161 -15.01 -3.44 1.00
CA ASN A 161 -15.81 -4.67 0.80
C ASN A 161 -16.85 -4.58 -0.31
N HIS A 162 -17.42 -3.40 -0.55
CA HIS A 162 -18.41 -3.21 -1.63
CA HIS A 162 -18.40 -3.31 -1.63
C HIS A 162 -17.76 -3.11 -3.01
N THR A 163 -16.56 -2.57 -3.08
CA THR A 163 -15.99 -2.24 -4.38
C THR A 163 -14.99 -3.26 -4.86
N LEU A 164 -14.30 -3.96 -3.95
CA LEU A 164 -13.25 -4.91 -4.40
C LEU A 164 -13.94 -5.98 -5.32
N PRO A 165 -15.08 -6.53 -4.87
CA PRO A 165 -15.70 -7.58 -5.80
C PRO A 165 -16.22 -7.11 -7.14
N LEU A 166 -16.30 -5.81 -7.38
CA LEU A 166 -16.66 -5.34 -8.71
C LEU A 166 -15.67 -5.72 -9.74
N THR A 167 -14.40 -5.92 -9.39
CA THR A 167 -13.39 -6.31 -10.40
C THR A 167 -12.56 -7.51 -9.92
N HIS A 168 -12.62 -7.85 -8.64
CA HIS A 168 -11.80 -8.99 -8.16
C HIS A 168 -12.73 -10.08 -7.70
N LYS A 169 -13.01 -11.03 -8.59
N LYS A 169 -12.91 -11.07 -8.59
CA LYS A 169 -14.03 -12.04 -8.27
CA LYS A 169 -13.92 -12.12 -8.41
C LYS A 169 -13.35 -13.37 -7.85
C LYS A 169 -13.26 -13.39 -7.88
N HIS A 170 -13.19 -13.48 -6.53
CA HIS A 170 -12.55 -14.61 -5.82
C HIS A 170 -11.06 -14.70 -6.07
N THR A 171 -10.47 -13.64 -6.63
CA THR A 171 -9.05 -13.67 -6.89
C THR A 171 -8.26 -13.21 -5.71
N LYS A 172 -8.92 -12.52 -4.78
CA LYS A 172 -8.10 -12.03 -3.59
C LYS A 172 -8.68 -12.64 -2.34
N THR A 173 -7.77 -12.90 -1.38
CA THR A 173 -8.16 -13.27 -0.03
C THR A 173 -7.25 -12.42 0.85
N LEU A 174 -7.65 -11.13 0.98
CA LEU A 174 -6.69 -10.18 1.56
C LEU A 174 -6.35 -10.47 2.97
N THR A 175 -5.09 -10.20 3.31
CA THR A 175 -4.62 -10.51 4.66
C THR A 175 -5.49 -9.85 5.71
N PRO A 176 -5.97 -10.65 6.68
CA PRO A 176 -6.93 -10.11 7.63
C PRO A 176 -6.27 -9.34 8.80
N PHE A 177 -5.77 -8.14 8.47
CA PHE A 177 -5.05 -7.36 9.46
C PHE A 177 -5.97 -6.95 10.61
N LYS A 178 -5.41 -6.92 11.83
CA LYS A 178 -6.15 -6.58 13.06
C LYS A 178 -5.41 -5.35 13.63
N TYR A 179 -6.07 -4.66 14.56
CA TYR A 179 -5.40 -3.66 15.37
C TYR A 179 -5.95 -3.91 16.83
N ILE A 180 -5.28 -3.36 17.80
CA ILE A 180 -5.68 -3.26 19.28
C ILE A 180 -5.41 -4.42 20.24
#